data_4RMF
#
_entry.id   4RMF
#
_cell.length_a   71.609
_cell.length_b   141.514
_cell.length_c   156.817
_cell.angle_alpha   90.00
_cell.angle_beta   90.00
_cell.angle_gamma   90.00
#
_symmetry.space_group_name_H-M   'C 2 2 21'
#
loop_
_entity.id
_entity.type
_entity.pdbx_description
1 polymer 'Aspartate--tRNA(Asp/Asn) ligase'
2 non-polymer 2,2-bis(hydroxymethyl)propane-1,3-diol
3 non-polymer 'FORMIC ACID'
4 water water
#
_entity_poly.entity_id   1
_entity_poly.type   'polypeptide(L)'
_entity_poly.pdbx_seq_one_letter_code
;MLRTHAAGSLRPADAGQTVTLAGWVARRRDHGGVIFIDLRDASGVSQVVFREGDVLAAAHRLRAEFCVAVTGVVEVRPEG
NENPEIPTGQIEVNATELTVLGESAPLPFQLDEQAGEEARLKYRYLDLRREGPGNALRLRSKVNAAARSVLAEHDFVEIE
TPTLTRSTPEGARDFLVPARLQPGSFYALPQSPQLFKQLLMVAGMERYYQIARCYRDEDFRADRQPEFTQLDMEMSFVEA
DDVIAISEQVLKAVWATIGYDLPLPLPRISYEEAMRRFGSDKPDLRFGIELVECTEYFKDTTFRVFQAPYVGAVVMPGGA
SQPRRTLDGWQEFAKQRGHKGLAYVLVGEDGTLGGPVAKNLSDAERDGLVAHVGANPGDCIFFAAGPAKGARALLGATRI
EIAKRLDLIDPNAWAFTWVVDFPMFEAADEATAAGDVAVGSGAWTAMHHAFTAPKPDSVDTFDSDPGNALSDAYDIVCNG
NEIGGGSIRIHRRDIQERVFAMMGIDHDEAQEKFGFLLDAFSYGAPPHGGIAFGWDRITALLAGVDSIREVIAFPKSGGG
VDPLTDAPAPITPQQRKESGIDAKPREDKPKEDAKSKAAAALEHHHHHH
;
_entity_poly.pdbx_strand_id   A
#
# COMPACT_ATOMS: atom_id res chain seq x y z
N LEU A 2 9.65 -20.24 34.82
CA LEU A 2 10.30 -21.45 34.22
C LEU A 2 11.70 -21.10 33.71
N ARG A 3 11.72 -20.27 32.67
CA ARG A 3 12.92 -19.72 32.03
C ARG A 3 13.76 -18.83 32.97
N THR A 4 15.08 -18.96 32.92
CA THR A 4 15.97 -18.04 33.64
C THR A 4 16.69 -17.06 32.70
N HIS A 5 16.98 -17.50 31.48
CA HIS A 5 17.79 -16.72 30.54
C HIS A 5 17.17 -16.67 29.17
N ALA A 6 17.47 -15.61 28.43
CA ALA A 6 17.13 -15.52 27.02
C ALA A 6 18.14 -16.35 26.22
N ALA A 7 17.64 -17.13 25.27
CA ALA A 7 18.51 -18.06 24.51
C ALA A 7 19.62 -17.36 23.73
N GLY A 8 19.33 -16.14 23.25
CA GLY A 8 20.32 -15.37 22.50
C GLY A 8 21.32 -14.61 23.35
N SER A 9 21.22 -14.73 24.68
CA SER A 9 21.98 -13.88 25.61
C SER A 9 23.23 -14.57 26.16
N LEU A 10 23.37 -15.87 25.90
CA LEU A 10 24.46 -16.64 26.45
C LEU A 10 25.82 -16.35 25.80
N ARG A 11 26.85 -16.22 26.64
CA ARG A 11 28.20 -15.86 26.22
C ARG A 11 29.25 -16.69 26.99
N PRO A 12 30.53 -16.67 26.53
CA PRO A 12 31.64 -17.27 27.29
C PRO A 12 31.62 -16.94 28.78
N ALA A 13 31.41 -15.67 29.12
CA ALA A 13 31.32 -15.19 30.50
C ALA A 13 30.35 -16.00 31.38
N ASP A 14 29.40 -16.69 30.74
CA ASP A 14 28.37 -17.45 31.45
C ASP A 14 28.77 -18.89 31.83
N ALA A 15 29.97 -19.30 31.44
CA ALA A 15 30.45 -20.67 31.70
C ALA A 15 30.28 -21.13 33.15
N GLY A 16 29.96 -22.42 33.33
CA GLY A 16 29.82 -23.01 34.64
C GLY A 16 28.52 -22.76 35.38
N GLN A 17 27.72 -21.82 34.87
CA GLN A 17 26.47 -21.47 35.52
C GLN A 17 25.32 -22.34 35.04
N THR A 18 24.43 -22.67 35.97
CA THR A 18 23.18 -23.34 35.66
C THR A 18 22.25 -22.33 34.99
N VAL A 19 21.68 -22.71 33.86
CA VAL A 19 20.70 -21.87 33.17
C VAL A 19 19.48 -22.68 32.77
N THR A 20 18.38 -21.99 32.56
CA THR A 20 17.17 -22.60 32.06
C THR A 20 16.61 -21.80 30.91
N LEU A 21 16.46 -22.48 29.78
CA LEU A 21 15.95 -21.88 28.57
C LEU A 21 14.60 -22.49 28.24
N ALA A 22 13.73 -21.68 27.66
CA ALA A 22 12.46 -22.16 27.15
C ALA A 22 12.25 -21.61 25.76
N GLY A 23 11.86 -22.50 24.85
CA GLY A 23 11.55 -22.12 23.48
C GLY A 23 11.27 -23.31 22.60
N TRP A 24 11.84 -23.26 21.40
CA TRP A 24 11.60 -24.31 20.42
C TRP A 24 12.87 -24.93 19.88
N VAL A 25 12.75 -26.21 19.54
CA VAL A 25 13.82 -26.94 18.85
C VAL A 25 13.79 -26.55 17.38
N ALA A 26 14.75 -25.71 16.96
CA ALA A 26 14.84 -25.30 15.56
C ALA A 26 15.30 -26.48 14.73
N ARG A 27 16.31 -27.20 15.23
CA ARG A 27 16.71 -28.46 14.64
C ARG A 27 17.36 -29.40 15.65
N ARG A 28 17.38 -30.68 15.29
CA ARG A 28 18.09 -31.69 16.05
C ARG A 28 19.04 -32.41 15.10
N ARG A 29 20.24 -32.71 15.57
CA ARG A 29 21.18 -33.55 14.82
C ARG A 29 21.85 -34.51 15.78
N ASP A 30 22.03 -35.76 15.33
CA ASP A 30 22.69 -36.79 16.12
C ASP A 30 24.07 -37.16 15.55
N HIS A 31 25.09 -37.16 16.41
CA HIS A 31 26.37 -37.79 16.09
C HIS A 31 26.99 -38.40 17.31
N GLY A 32 27.65 -39.55 17.14
CA GLY A 32 28.02 -40.40 18.28
C GLY A 32 26.73 -40.77 18.97
N GLY A 33 26.77 -41.01 20.27
CA GLY A 33 25.53 -41.16 21.02
C GLY A 33 25.05 -39.83 21.61
N VAL A 34 25.40 -38.73 20.96
CA VAL A 34 25.07 -37.37 21.46
C VAL A 34 23.98 -36.71 20.61
N ILE A 35 23.09 -35.96 21.27
CA ILE A 35 22.04 -35.22 20.57
C ILE A 35 22.27 -33.71 20.68
N PHE A 36 22.29 -33.05 19.52
CA PHE A 36 22.54 -31.61 19.41
C PHE A 36 21.26 -30.91 18.94
N ILE A 37 20.80 -29.90 19.68
CA ILE A 37 19.70 -29.07 19.20
C ILE A 37 20.06 -27.58 19.17
N ASP A 38 19.42 -26.85 18.27
CA ASP A 38 19.37 -25.40 18.39
C ASP A 38 18.07 -25.02 19.08
N LEU A 39 18.18 -24.34 20.22
CA LEU A 39 17.01 -23.88 20.96
C LEU A 39 16.72 -22.43 20.64
N ARG A 40 15.57 -22.19 20.02
CA ARG A 40 15.18 -20.85 19.59
C ARG A 40 14.12 -20.25 20.50
N ASP A 41 14.33 -19.01 20.92
CA ASP A 41 13.26 -18.17 21.45
C ASP A 41 13.30 -16.81 20.75
N ALA A 42 12.42 -15.89 21.13
CA ALA A 42 12.37 -14.55 20.50
C ALA A 42 13.70 -13.80 20.47
N SER A 43 14.57 -14.05 21.46
CA SER A 43 15.86 -13.38 21.56
C SER A 43 16.98 -14.04 20.75
N GLY A 44 16.71 -15.20 20.15
CA GLY A 44 17.73 -15.91 19.38
C GLY A 44 17.93 -17.37 19.75
N VAL A 45 19.15 -17.86 19.57
CA VAL A 45 19.44 -19.30 19.53
C VAL A 45 20.69 -19.69 20.33
N SER A 46 20.57 -20.70 21.19
CA SER A 46 21.75 -21.37 21.74
C SER A 46 21.72 -22.85 21.36
N GLN A 47 22.90 -23.43 21.10
CA GLN A 47 23.01 -24.88 20.97
C GLN A 47 22.90 -25.51 22.36
N VAL A 48 22.19 -26.63 22.43
CA VAL A 48 22.01 -27.39 23.66
C VAL A 48 22.34 -28.84 23.34
N VAL A 49 23.15 -29.46 24.19
CA VAL A 49 23.61 -30.84 23.98
C VAL A 49 23.16 -31.80 25.08
N PHE A 50 22.85 -33.04 24.68
CA PHE A 50 22.44 -34.09 25.60
C PHE A 50 23.47 -35.20 25.45
N ARG A 51 24.22 -35.42 26.53
CA ARG A 51 25.38 -36.32 26.50
C ARG A 51 25.23 -37.60 27.31
N GLU A 52 24.62 -37.51 28.50
CA GLU A 52 24.57 -38.66 29.41
C GLU A 52 23.23 -38.84 30.14
N GLY A 53 22.91 -40.09 30.48
CA GLY A 53 21.84 -40.41 31.43
C GLY A 53 20.41 -40.28 30.95
N ASP A 54 19.53 -39.89 31.88
CA ASP A 54 18.10 -39.77 31.62
C ASP A 54 17.76 -38.68 30.61
N VAL A 55 18.46 -37.54 30.69
CA VAL A 55 18.25 -36.44 29.74
C VAL A 55 18.40 -36.90 28.31
N LEU A 56 19.53 -37.55 28.02
CA LEU A 56 19.80 -38.08 26.69
C LEU A 56 18.67 -39.00 26.21
N ALA A 57 18.31 -39.98 27.04
CA ALA A 57 17.19 -40.88 26.72
C ALA A 57 15.92 -40.10 26.39
N ALA A 58 15.60 -39.10 27.20
CA ALA A 58 14.43 -38.27 26.97
C ALA A 58 14.54 -37.43 25.70
N ALA A 59 15.76 -37.00 25.35
CA ALA A 59 15.99 -36.16 24.17
C ALA A 59 15.77 -36.88 22.85
N HIS A 60 15.76 -38.21 22.88
CA HIS A 60 15.45 -39.01 21.69
C HIS A 60 14.06 -38.75 21.18
N ARG A 61 13.23 -38.15 22.04
CA ARG A 61 11.87 -37.78 21.69
C ARG A 61 11.79 -36.45 20.91
N LEU A 62 12.84 -35.63 20.98
CA LEU A 62 12.81 -34.27 20.43
C LEU A 62 12.82 -34.19 18.90
N ARG A 63 12.06 -33.23 18.38
CA ARG A 63 11.95 -32.99 16.95
C ARG A 63 11.82 -31.51 16.68
N ALA A 64 11.97 -31.13 15.41
CA ALA A 64 11.78 -29.75 14.99
C ALA A 64 10.44 -29.17 15.47
N GLU A 65 10.52 -28.03 16.14
CA GLU A 65 9.36 -27.27 16.59
C GLU A 65 8.66 -27.80 17.85
N PHE A 66 9.23 -28.81 18.48
CA PHE A 66 8.87 -29.17 19.86
C PHE A 66 9.10 -27.94 20.73
N CYS A 67 8.15 -27.63 21.60
CA CYS A 67 8.34 -26.58 22.58
C CYS A 67 8.85 -27.20 23.87
N VAL A 68 9.98 -26.72 24.36
CA VAL A 68 10.62 -27.37 25.49
C VAL A 68 11.20 -26.38 26.49
N ALA A 69 11.49 -26.89 27.68
CA ALA A 69 12.31 -26.19 28.65
C ALA A 69 13.49 -27.11 28.98
N VAL A 70 14.69 -26.55 28.91
CA VAL A 70 15.90 -27.30 29.26
C VAL A 70 16.69 -26.57 30.31
N THR A 71 17.23 -27.35 31.23
CA THR A 71 18.15 -26.84 32.22
C THR A 71 19.49 -27.50 31.97
N GLY A 72 20.56 -26.71 32.04
CA GLY A 72 21.90 -27.23 31.87
C GLY A 72 22.98 -26.24 32.23
N VAL A 73 24.22 -26.67 32.02
CA VAL A 73 25.40 -25.89 32.39
C VAL A 73 26.03 -25.34 31.12
N VAL A 74 26.22 -24.03 31.09
CA VAL A 74 26.90 -23.38 29.99
C VAL A 74 28.38 -23.83 29.94
N GLU A 75 28.83 -24.25 28.77
CA GLU A 75 30.22 -24.63 28.53
C GLU A 75 30.69 -24.00 27.23
N VAL A 76 31.99 -23.76 27.12
CA VAL A 76 32.57 -23.27 25.87
C VAL A 76 32.69 -24.45 24.89
N ARG A 77 32.28 -24.23 23.64
CA ARG A 77 32.29 -25.28 22.62
C ARG A 77 33.69 -25.82 22.38
N PRO A 78 33.82 -27.16 22.25
CA PRO A 78 35.11 -27.77 21.89
C PRO A 78 35.78 -27.05 20.69
N GLU A 79 37.12 -27.01 20.70
CA GLU A 79 37.88 -26.34 19.66
C GLU A 79 37.48 -26.88 18.28
N GLY A 80 37.09 -25.97 17.39
CA GLY A 80 36.65 -26.35 16.06
C GLY A 80 35.14 -26.37 15.87
N ASN A 81 34.40 -26.33 16.97
CA ASN A 81 32.93 -26.37 16.90
C ASN A 81 32.27 -25.00 16.84
N GLU A 82 33.03 -23.96 17.20
CA GLU A 82 32.51 -22.59 17.26
C GLU A 82 31.75 -22.21 16.01
N ASN A 83 30.59 -21.58 16.20
CA ASN A 83 29.81 -21.00 15.13
C ASN A 83 30.06 -19.50 15.13
N PRO A 84 30.93 -19.02 14.21
CA PRO A 84 31.29 -17.60 14.21
C PRO A 84 30.14 -16.71 13.73
N GLU A 85 29.17 -17.31 13.03
CA GLU A 85 28.06 -16.57 12.46
C GLU A 85 27.02 -16.04 13.46
N ILE A 86 26.84 -16.73 14.59
CA ILE A 86 25.81 -16.34 15.59
C ILE A 86 26.41 -15.92 16.93
N PRO A 87 25.77 -14.95 17.63
CA PRO A 87 26.30 -14.41 18.90
C PRO A 87 26.54 -15.45 20.00
N THR A 88 25.76 -16.54 19.99
CA THR A 88 25.93 -17.65 20.93
C THR A 88 27.07 -18.59 20.51
N GLY A 89 27.54 -18.41 19.28
CA GLY A 89 28.47 -19.31 18.61
C GLY A 89 29.52 -20.07 19.38
N GLN A 90 30.10 -19.46 20.42
CA GLN A 90 31.16 -20.14 21.15
C GLN A 90 30.76 -20.83 22.45
N ILE A 91 29.47 -20.84 22.77
CA ILE A 91 28.99 -21.68 23.87
C ILE A 91 27.98 -22.73 23.43
N GLU A 92 27.67 -23.64 24.35
CA GLU A 92 26.57 -24.59 24.21
C GLU A 92 26.12 -24.87 25.63
N VAL A 93 24.91 -25.41 25.78
CA VAL A 93 24.43 -25.81 27.10
C VAL A 93 24.43 -27.34 27.19
N ASN A 94 25.10 -27.86 28.21
CA ASN A 94 25.14 -29.29 28.44
C ASN A 94 23.94 -29.62 29.31
N ALA A 95 22.89 -30.15 28.69
CA ALA A 95 21.61 -30.29 29.36
C ALA A 95 21.67 -31.20 30.58
N THR A 96 20.90 -30.81 31.60
CA THR A 96 20.81 -31.51 32.86
C THR A 96 19.39 -32.04 33.06
N GLU A 97 18.41 -31.27 32.56
CA GLU A 97 16.99 -31.57 32.72
C GLU A 97 16.22 -31.13 31.47
N LEU A 98 15.13 -31.83 31.20
CA LEU A 98 14.35 -31.58 30.02
C LEU A 98 12.90 -31.83 30.34
N THR A 99 12.07 -30.86 29.95
CA THR A 99 10.63 -31.01 29.99
C THR A 99 10.06 -30.64 28.63
N VAL A 100 9.27 -31.55 28.07
CA VAL A 100 8.56 -31.30 26.82
C VAL A 100 7.30 -30.52 27.21
N LEU A 101 7.26 -29.26 26.83
CA LEU A 101 6.10 -28.41 27.07
C LEU A 101 4.98 -28.65 26.03
N GLY A 102 5.37 -28.90 24.78
CA GLY A 102 4.44 -29.07 23.68
C GLY A 102 5.11 -29.80 22.54
N GLU A 103 4.58 -30.98 22.22
CA GLU A 103 5.10 -31.74 21.09
C GLU A 103 4.68 -31.10 19.78
N SER A 104 5.46 -31.33 18.75
CA SER A 104 5.06 -30.93 17.42
C SER A 104 4.98 -32.15 16.54
N ALA A 105 3.98 -32.17 15.68
CA ALA A 105 3.87 -33.15 14.62
C ALA A 105 4.80 -32.73 13.47
N PRO A 106 5.03 -33.63 12.48
CA PRO A 106 5.79 -33.19 11.31
C PRO A 106 5.16 -31.96 10.66
N LEU A 107 5.99 -31.01 10.29
CA LEU A 107 5.52 -29.73 9.78
C LEU A 107 4.92 -29.84 8.37
N PRO A 108 3.84 -29.11 8.11
CA PRO A 108 3.30 -28.99 6.74
C PRO A 108 4.32 -28.37 5.77
N PHE A 109 5.17 -27.46 6.27
CA PHE A 109 6.33 -26.96 5.54
C PHE A 109 7.48 -26.66 6.51
N GLN A 110 8.72 -26.73 6.03
CA GLN A 110 9.87 -26.35 6.87
C GLN A 110 9.99 -24.83 6.92
N LEU A 111 10.57 -24.33 8.01
CA LEU A 111 10.64 -22.90 8.27
C LEU A 111 11.65 -22.16 7.41
N ASP A 112 12.54 -22.90 6.75
CA ASP A 112 13.46 -22.30 5.80
C ASP A 112 12.90 -22.38 4.39
N GLU A 113 11.60 -22.66 4.29
CA GLU A 113 10.93 -22.78 2.99
C GLU A 113 9.74 -21.85 2.95
N GLN A 114 9.44 -21.34 1.77
CA GLN A 114 8.22 -20.57 1.58
C GLN A 114 7.24 -21.47 0.84
N ALA A 115 6.13 -21.80 1.48
CA ALA A 115 5.09 -22.61 0.87
C ALA A 115 4.16 -21.75 0.01
N GLY A 116 3.22 -22.39 -0.68
CA GLY A 116 2.18 -21.68 -1.40
C GLY A 116 1.26 -20.94 -0.46
N GLU A 117 0.56 -19.94 -0.99
CA GLU A 117 -0.25 -19.03 -0.21
C GLU A 117 -1.27 -19.70 0.72
N GLU A 118 -2.00 -20.68 0.19
CA GLU A 118 -3.04 -21.38 0.94
C GLU A 118 -2.45 -22.07 2.17
N ALA A 119 -1.29 -22.70 1.98
CA ALA A 119 -0.59 -23.37 3.07
C ALA A 119 -0.08 -22.38 4.13
N ARG A 120 0.47 -21.26 3.68
CA ARG A 120 1.01 -20.25 4.59
C ARG A 120 -0.08 -19.60 5.42
N LEU A 121 -1.26 -19.45 4.83
CA LEU A 121 -2.39 -18.86 5.56
C LEU A 121 -3.07 -19.85 6.49
N LYS A 122 -3.32 -21.06 6.00
CA LYS A 122 -3.92 -22.11 6.83
C LYS A 122 -3.06 -22.35 8.05
N TYR A 123 -1.73 -22.26 7.86
CA TYR A 123 -0.78 -22.53 8.93
C TYR A 123 0.01 -21.28 9.27
N ARG A 124 -0.66 -20.13 9.22
CA ARG A 124 -0.02 -18.84 9.51
C ARG A 124 0.66 -18.78 10.87
N TYR A 125 0.13 -19.50 11.86
CA TYR A 125 0.82 -19.57 13.16
C TYR A 125 2.23 -20.16 13.01
N LEU A 126 2.41 -21.10 12.09
CA LEU A 126 3.75 -21.61 11.78
C LEU A 126 4.55 -20.68 10.88
N ASP A 127 3.87 -20.04 9.93
CA ASP A 127 4.55 -19.16 8.98
C ASP A 127 5.21 -17.98 9.70
N LEU A 128 4.53 -17.49 10.73
CA LEU A 128 5.05 -16.41 11.55
C LEU A 128 6.26 -16.78 12.42
N ARG A 129 6.53 -18.06 12.60
CA ARG A 129 7.77 -18.48 13.25
C ARG A 129 9.01 -18.25 12.37
N ARG A 130 8.77 -18.13 11.07
CA ARG A 130 9.84 -17.83 10.13
C ARG A 130 10.32 -16.41 10.35
N GLU A 131 11.61 -16.18 10.09
CA GLU A 131 12.27 -14.93 10.41
C GLU A 131 11.58 -13.70 9.81
N GLY A 132 11.37 -13.74 8.49
CA GLY A 132 10.79 -12.63 7.72
C GLY A 132 9.38 -12.24 8.14
N PRO A 133 8.43 -13.19 8.05
CA PRO A 133 7.06 -12.94 8.51
C PRO A 133 6.97 -12.41 9.96
N GLY A 134 7.67 -13.05 10.90
CA GLY A 134 7.69 -12.61 12.30
C GLY A 134 8.22 -11.20 12.48
N ASN A 135 9.34 -10.90 11.82
CA ASN A 135 9.94 -9.55 11.87
C ASN A 135 9.04 -8.47 11.26
N ALA A 136 8.31 -8.84 10.22
CA ALA A 136 7.34 -7.95 9.59
C ALA A 136 6.33 -7.47 10.61
N LEU A 137 5.77 -8.40 11.39
CA LEU A 137 4.79 -8.06 12.41
C LEU A 137 5.35 -7.21 13.54
N ARG A 138 6.59 -7.51 13.93
CA ARG A 138 7.31 -6.74 14.95
C ARG A 138 7.62 -5.35 14.45
N LEU A 139 8.03 -5.24 13.18
CA LEU A 139 8.19 -3.95 12.55
C LEU A 139 6.89 -3.12 12.64
N ARG A 140 5.78 -3.74 12.24
CA ARG A 140 4.48 -3.06 12.26
C ARG A 140 4.21 -2.39 13.60
N SER A 141 4.49 -3.11 14.69
CA SER A 141 4.30 -2.60 16.05
C SER A 141 5.15 -1.34 16.30
N LYS A 142 6.42 -1.39 15.90
CA LYS A 142 7.28 -0.21 15.98
C LYS A 142 6.79 0.95 15.11
N VAL A 143 6.18 0.62 13.96
CA VAL A 143 5.66 1.63 13.05
C VAL A 143 4.52 2.41 13.70
N ASN A 144 3.58 1.68 14.31
CA ASN A 144 2.46 2.30 14.99
C ASN A 144 2.96 3.30 16.02
N ALA A 145 3.92 2.83 16.82
CA ALA A 145 4.43 3.58 17.98
C ALA A 145 5.14 4.84 17.50
N ALA A 146 5.90 4.72 16.41
CA ALA A 146 6.57 5.88 15.81
C ALA A 146 5.56 6.97 15.42
N ALA A 147 4.45 6.57 14.80
CA ALA A 147 3.42 7.52 14.44
C ALA A 147 2.81 8.17 15.70
N ARG A 148 2.44 7.34 16.68
CA ARG A 148 1.79 7.85 17.89
C ARG A 148 2.67 8.85 18.59
N SER A 149 3.98 8.63 18.56
CA SER A 149 4.87 9.49 19.31
C SER A 149 4.93 10.88 18.69
N VAL A 150 4.90 10.95 17.35
CA VAL A 150 4.82 12.22 16.65
C VAL A 150 3.49 12.95 16.94
N LEU A 151 2.39 12.21 16.91
CA LEU A 151 1.07 12.80 17.12
C LEU A 151 0.88 13.32 18.54
N ALA A 152 1.34 12.55 19.53
CA ALA A 152 1.34 12.99 20.94
C ALA A 152 2.19 14.24 21.16
N GLU A 153 3.35 14.30 20.50
CA GLU A 153 4.26 15.43 20.59
C GLU A 153 3.59 16.73 20.10
N HIS A 154 2.64 16.60 19.17
CA HIS A 154 1.90 17.73 18.62
C HIS A 154 0.48 17.81 19.13
N ASP A 155 0.24 17.20 20.30
CA ASP A 155 -0.99 17.38 21.09
C ASP A 155 -2.27 16.85 20.43
N PHE A 156 -2.11 15.82 19.61
CA PHE A 156 -3.26 15.15 19.02
C PHE A 156 -3.92 14.30 20.09
N VAL A 157 -5.24 14.16 20.00
CA VAL A 157 -6.01 13.35 20.93
C VAL A 157 -6.32 12.06 20.18
N GLU A 158 -6.04 10.92 20.79
CA GLU A 158 -6.45 9.65 20.19
C GLU A 158 -7.92 9.35 20.54
N ILE A 159 -8.76 9.17 19.52
CA ILE A 159 -10.20 8.97 19.73
C ILE A 159 -10.74 7.77 18.92
N GLU A 160 -11.44 6.87 19.60
CA GLU A 160 -12.08 5.71 18.98
C GLU A 160 -13.44 6.11 18.41
N THR A 161 -13.69 5.73 17.16
CA THR A 161 -14.95 6.01 16.48
C THR A 161 -15.76 4.72 16.23
N PRO A 162 -17.09 4.84 16.11
CA PRO A 162 -17.93 3.63 16.00
C PRO A 162 -17.64 2.80 14.75
N THR A 163 -17.77 1.48 14.87
CA THR A 163 -17.70 0.62 13.70
C THR A 163 -19.07 0.06 13.33
N LEU A 164 -20.07 0.24 14.20
CA LEU A 164 -21.45 -0.02 13.85
C LEU A 164 -22.18 1.29 13.53
N THR A 165 -22.40 1.55 12.23
CA THR A 165 -22.94 2.83 11.76
C THR A 165 -24.18 2.69 10.87
N ARG A 166 -24.71 3.85 10.49
CA ARG A 166 -25.74 3.97 9.46
C ARG A 166 -25.15 3.65 8.09
N SER A 167 -25.89 2.91 7.29
CA SER A 167 -25.51 2.67 5.90
C SER A 167 -25.81 3.89 5.03
N THR A 168 -24.76 4.63 4.67
CA THR A 168 -24.88 5.87 3.89
C THR A 168 -24.65 5.62 2.41
N PRO A 169 -25.34 6.38 1.52
CA PRO A 169 -25.16 6.19 0.08
C PRO A 169 -23.90 6.88 -0.47
N GLU A 170 -22.79 6.75 0.26
CA GLU A 170 -21.47 7.16 -0.22
C GLU A 170 -20.90 6.06 -1.12
N GLY A 171 -19.86 6.39 -1.89
CA GLY A 171 -19.27 5.45 -2.84
C GLY A 171 -18.74 4.17 -2.21
N ALA A 172 -18.91 3.06 -2.95
CA ALA A 172 -18.44 1.70 -2.57
C ALA A 172 -19.39 0.91 -1.67
N ARG A 173 -19.37 -0.41 -1.84
CA ARG A 173 -20.32 -1.30 -1.18
C ARG A 173 -19.91 -1.58 0.27
N ASP A 174 -20.87 -1.39 1.18
CA ASP A 174 -20.66 -1.59 2.60
C ASP A 174 -20.83 -3.05 3.00
N PHE A 175 -20.15 -3.45 4.08
CA PHE A 175 -20.49 -4.66 4.79
C PHE A 175 -21.66 -4.33 5.71
N LEU A 176 -22.65 -5.21 5.74
CA LEU A 176 -23.87 -4.99 6.50
C LEU A 176 -23.94 -5.90 7.71
N VAL A 177 -24.60 -5.42 8.75
CA VAL A 177 -24.77 -6.18 9.99
C VAL A 177 -26.22 -6.06 10.42
N PRO A 178 -26.99 -7.17 10.40
CA PRO A 178 -28.39 -7.11 10.81
C PRO A 178 -28.54 -6.94 12.32
N ALA A 179 -29.55 -6.18 12.75
CA ALA A 179 -29.75 -5.91 14.17
C ALA A 179 -30.89 -6.74 14.76
N ARG A 180 -30.52 -7.63 15.68
CA ARG A 180 -31.46 -8.53 16.34
C ARG A 180 -32.59 -7.76 17.03
N LEU A 181 -32.24 -6.70 17.74
CA LEU A 181 -33.20 -5.92 18.51
C LEU A 181 -34.06 -5.00 17.66
N GLN A 182 -33.80 -4.96 16.35
CA GLN A 182 -34.58 -4.17 15.42
C GLN A 182 -34.83 -4.95 14.13
N PRO A 183 -35.66 -6.01 14.19
CA PRO A 183 -35.87 -6.88 13.03
C PRO A 183 -36.04 -6.09 11.75
N GLY A 184 -35.21 -6.39 10.75
CA GLY A 184 -35.27 -5.71 9.44
C GLY A 184 -34.31 -4.55 9.26
N SER A 185 -33.71 -4.10 10.36
CA SER A 185 -32.74 -3.00 10.34
C SER A 185 -31.28 -3.47 10.36
N PHE A 186 -30.40 -2.65 9.78
CA PHE A 186 -29.00 -3.01 9.59
C PHE A 186 -28.04 -1.90 9.98
N TYR A 187 -26.97 -2.28 10.68
CA TYR A 187 -25.78 -1.44 10.77
C TYR A 187 -24.95 -1.66 9.53
N ALA A 188 -24.03 -0.74 9.27
CA ALA A 188 -22.98 -0.92 8.26
C ALA A 188 -21.65 -0.73 8.94
N LEU A 189 -20.63 -1.45 8.46
CA LEU A 189 -19.27 -1.23 8.91
C LEU A 189 -18.72 -0.06 8.11
N PRO A 190 -17.82 0.75 8.72
CA PRO A 190 -17.43 1.98 8.05
C PRO A 190 -16.34 1.79 7.00
N GLN A 191 -16.45 2.54 5.92
CA GLN A 191 -15.42 2.61 4.88
C GLN A 191 -14.23 3.36 5.41
N SER A 192 -14.51 4.37 6.22
CA SER A 192 -13.51 5.24 6.82
C SER A 192 -14.21 5.94 7.98
N PRO A 193 -13.44 6.52 8.91
CA PRO A 193 -14.08 7.32 9.98
C PRO A 193 -14.37 8.78 9.56
N GLN A 194 -14.27 9.06 8.25
CA GLN A 194 -14.45 10.43 7.69
C GLN A 194 -15.49 11.31 8.41
N LEU A 195 -16.74 10.87 8.47
CA LEU A 195 -17.81 11.69 9.03
C LEU A 195 -17.64 11.91 10.53
N PHE A 196 -17.20 10.87 11.22
CA PHE A 196 -16.91 10.97 12.64
C PHE A 196 -15.79 11.96 12.96
N LYS A 197 -14.68 11.89 12.23
CA LYS A 197 -13.59 12.83 12.49
C LYS A 197 -13.97 14.28 12.25
N GLN A 198 -14.89 14.52 11.32
CA GLN A 198 -15.37 15.87 11.07
C GLN A 198 -16.24 16.34 12.22
N LEU A 199 -17.07 15.44 12.76
CA LEU A 199 -17.91 15.73 13.91
C LEU A 199 -17.05 16.04 15.14
N LEU A 200 -15.94 15.31 15.29
CA LEU A 200 -14.98 15.60 16.35
C LEU A 200 -14.33 16.99 16.21
N MET A 201 -14.20 17.48 14.98
CA MET A 201 -13.78 18.86 14.77
C MET A 201 -14.86 19.83 15.25
N VAL A 202 -16.11 19.58 14.87
CA VAL A 202 -17.25 20.39 15.37
C VAL A 202 -17.29 20.31 16.91
N ALA A 203 -16.87 19.17 17.46
CA ALA A 203 -16.82 18.95 18.91
C ALA A 203 -15.72 19.74 19.63
N GLY A 204 -14.88 20.44 18.87
CA GLY A 204 -13.80 21.21 19.47
C GLY A 204 -12.57 20.40 19.87
N MET A 205 -12.42 19.20 19.32
CA MET A 205 -11.30 18.35 19.72
C MET A 205 -9.99 18.84 19.13
N GLU A 206 -10.10 19.51 17.98
CA GLU A 206 -9.02 20.30 17.37
C GLU A 206 -7.94 19.52 16.61
N ARG A 207 -7.42 18.46 17.24
CA ARG A 207 -6.41 17.58 16.64
C ARG A 207 -6.67 16.13 17.01
N TYR A 208 -7.09 15.34 16.04
CA TYR A 208 -7.57 13.99 16.27
C TYR A 208 -6.69 13.04 15.46
N TYR A 209 -6.49 11.84 16.00
CA TYR A 209 -5.96 10.73 15.23
C TYR A 209 -6.54 9.44 15.77
N GLN A 210 -6.49 8.42 14.93
CA GLN A 210 -6.94 7.09 15.25
C GLN A 210 -6.26 6.15 14.26
N ILE A 211 -5.74 5.04 14.75
CA ILE A 211 -5.31 3.95 13.86
C ILE A 211 -6.50 3.00 13.79
N ALA A 212 -7.21 3.07 12.68
CA ALA A 212 -8.59 2.61 12.62
C ALA A 212 -8.78 1.49 11.62
N ARG A 213 -9.75 0.63 11.93
CA ARG A 213 -10.12 -0.45 11.05
C ARG A 213 -11.21 0.02 10.09
N CYS A 214 -11.01 -0.28 8.81
CA CYS A 214 -11.90 0.17 7.76
C CYS A 214 -12.35 -1.02 6.92
N TYR A 215 -13.56 -0.92 6.38
CA TYR A 215 -14.22 -2.06 5.77
C TYR A 215 -14.81 -1.67 4.42
N ARG A 216 -14.54 -2.51 3.41
CA ARG A 216 -14.99 -2.27 2.05
C ARG A 216 -15.24 -3.61 1.36
N ASP A 217 -16.43 -3.81 0.84
CA ASP A 217 -16.75 -5.03 0.11
C ASP A 217 -16.52 -4.85 -1.40
N GLU A 218 -15.26 -4.98 -1.82
CA GLU A 218 -14.83 -4.74 -3.19
C GLU A 218 -14.68 -6.07 -3.96
N ASP A 219 -14.50 -5.99 -5.29
CA ASP A 219 -14.25 -7.17 -6.13
C ASP A 219 -12.88 -7.82 -5.82
N PHE A 220 -12.19 -7.24 -4.83
CA PHE A 220 -10.94 -7.76 -4.21
C PHE A 220 -9.75 -8.10 -5.13
N ARG A 221 -9.62 -7.32 -6.19
CA ARG A 221 -8.40 -7.25 -6.97
C ARG A 221 -7.53 -6.13 -6.37
N ALA A 222 -6.39 -5.86 -7.02
CA ALA A 222 -5.46 -4.77 -6.64
C ALA A 222 -4.87 -4.91 -5.22
N ASP A 223 -4.69 -6.16 -4.77
CA ASP A 223 -4.16 -6.47 -3.42
C ASP A 223 -5.02 -5.84 -2.32
N ARG A 224 -6.33 -6.11 -2.38
CA ARG A 224 -7.29 -5.60 -1.41
C ARG A 224 -7.66 -6.64 -0.35
N GLN A 225 -7.95 -6.15 0.84
CA GLN A 225 -8.46 -6.95 1.93
C GLN A 225 -9.83 -6.40 2.32
N PRO A 226 -10.76 -7.26 2.77
CA PRO A 226 -12.09 -6.80 3.19
C PRO A 226 -12.05 -5.81 4.37
N GLU A 227 -11.07 -6.01 5.25
CA GLU A 227 -10.79 -5.07 6.33
C GLU A 227 -9.32 -4.66 6.26
N PHE A 228 -9.07 -3.38 6.50
CA PHE A 228 -7.72 -2.83 6.41
C PHE A 228 -7.57 -1.72 7.44
N THR A 229 -6.34 -1.28 7.63
CA THR A 229 -5.99 -0.31 8.67
C THR A 229 -5.56 1.03 8.08
N GLN A 230 -6.17 2.11 8.57
CA GLN A 230 -5.77 3.46 8.22
C GLN A 230 -5.25 4.21 9.43
N LEU A 231 -4.18 4.96 9.26
CA LEU A 231 -3.87 6.03 10.21
C LEU A 231 -4.67 7.26 9.77
N ASP A 232 -5.62 7.63 10.60
CA ASP A 232 -6.59 8.66 10.32
C ASP A 232 -6.24 9.88 11.16
N MET A 233 -6.27 11.06 10.52
CA MET A 233 -5.94 12.32 11.21
C MET A 233 -6.87 13.43 10.78
N GLU A 234 -7.11 14.38 11.68
CA GLU A 234 -7.88 15.57 11.36
C GLU A 234 -7.49 16.73 12.27
N MET A 235 -7.57 17.94 11.73
CA MET A 235 -7.23 19.16 12.45
C MET A 235 -8.18 20.29 12.10
N SER A 236 -8.39 21.18 13.07
CA SER A 236 -9.20 22.38 12.87
C SER A 236 -8.30 23.61 12.71
N PHE A 237 -8.85 24.64 12.07
CA PHE A 237 -8.14 25.91 11.85
C PHE A 237 -6.83 25.71 11.08
N VAL A 238 -6.86 24.90 10.03
CA VAL A 238 -5.65 24.63 9.28
C VAL A 238 -5.85 24.86 7.80
N GLU A 239 -4.73 25.03 7.12
CA GLU A 239 -4.67 24.94 5.67
C GLU A 239 -3.87 23.70 5.33
N ALA A 240 -3.79 23.41 4.03
CA ALA A 240 -3.06 22.24 3.52
C ALA A 240 -1.63 22.11 4.09
N ASP A 241 -0.88 23.21 4.08
CA ASP A 241 0.50 23.23 4.61
C ASP A 241 0.64 22.61 5.99
N ASP A 242 -0.33 22.88 6.86
CA ASP A 242 -0.33 22.38 8.24
C ASP A 242 -0.56 20.87 8.29
N VAL A 243 -1.43 20.36 7.41
CA VAL A 243 -1.69 18.93 7.37
C VAL A 243 -0.47 18.21 6.79
N ILE A 244 0.16 18.84 5.81
CA ILE A 244 1.33 18.28 5.14
C ILE A 244 2.51 18.26 6.10
N ALA A 245 2.74 19.36 6.81
CA ALA A 245 3.86 19.46 7.77
C ALA A 245 3.83 18.39 8.86
N ILE A 246 2.64 18.11 9.42
CA ILE A 246 2.52 17.07 10.45
C ILE A 246 2.62 15.68 9.81
N SER A 247 2.01 15.51 8.65
CA SER A 247 2.12 14.26 7.92
C SER A 247 3.58 13.91 7.67
N GLU A 248 4.36 14.92 7.29
CA GLU A 248 5.76 14.72 7.00
C GLU A 248 6.54 14.28 8.25
N GLN A 249 6.19 14.83 9.41
CA GLN A 249 6.77 14.40 10.69
C GLN A 249 6.44 12.94 10.99
N VAL A 250 5.20 12.53 10.67
CA VAL A 250 4.81 11.13 10.83
C VAL A 250 5.64 10.22 9.94
N LEU A 251 5.85 10.64 8.70
CA LEU A 251 6.57 9.84 7.73
C LEU A 251 8.04 9.69 8.09
N LYS A 252 8.65 10.77 8.54
CA LYS A 252 10.04 10.75 8.97
C LYS A 252 10.26 9.75 10.13
N ALA A 253 9.42 9.81 11.16
CA ALA A 253 9.54 8.87 12.29
C ALA A 253 9.28 7.43 11.87
N VAL A 254 8.33 7.24 10.97
CA VAL A 254 8.00 5.93 10.45
C VAL A 254 9.17 5.33 9.67
N TRP A 255 9.74 6.11 8.75
CA TRP A 255 10.93 5.64 8.04
C TRP A 255 12.16 5.49 8.91
N ALA A 256 12.26 6.26 10.00
CA ALA A 256 13.35 6.05 10.97
C ALA A 256 13.41 4.61 11.52
N THR A 257 12.25 3.97 11.64
CA THR A 257 12.14 2.55 12.06
C THR A 257 13.03 1.57 11.27
N ILE A 258 13.34 1.88 10.03
CA ILE A 258 14.25 1.00 9.25
C ILE A 258 15.62 1.66 9.02
N GLY A 259 15.88 2.73 9.77
CA GLY A 259 17.19 3.40 9.73
C GLY A 259 17.33 4.30 8.51
N TYR A 260 16.21 4.70 7.92
CA TYR A 260 16.27 5.67 6.85
C TYR A 260 15.93 7.05 7.38
N ASP A 261 16.85 7.98 7.17
CA ASP A 261 16.66 9.37 7.55
C ASP A 261 15.95 10.11 6.40
N LEU A 262 14.69 10.48 6.62
CA LEU A 262 13.91 11.06 5.54
C LEU A 262 14.13 12.58 5.43
N PRO A 263 14.71 13.03 4.30
CA PRO A 263 14.97 14.46 4.07
C PRO A 263 13.66 15.23 3.88
N LEU A 264 13.43 16.24 4.70
CA LEU A 264 12.21 17.02 4.63
C LEU A 264 12.56 18.45 4.24
N PRO A 265 11.62 19.19 3.61
CA PRO A 265 10.27 18.76 3.22
C PRO A 265 10.25 17.96 1.92
N LEU A 266 9.15 17.28 1.68
CA LEU A 266 9.00 16.42 0.52
C LEU A 266 8.63 17.23 -0.72
N PRO A 267 9.01 16.76 -1.92
CA PRO A 267 8.60 17.45 -3.14
C PRO A 267 7.09 17.49 -3.30
N ARG A 268 6.61 18.52 -4.00
CA ARG A 268 5.19 18.69 -4.31
C ARG A 268 5.05 18.98 -5.80
N ILE A 269 3.99 18.42 -6.39
CA ILE A 269 3.69 18.60 -7.81
C ILE A 269 2.19 18.66 -7.96
N SER A 270 1.72 19.50 -8.88
CA SER A 270 0.29 19.58 -9.17
C SER A 270 -0.21 18.31 -9.86
N TYR A 271 -1.52 18.06 -9.76
CA TYR A 271 -2.17 16.97 -10.48
C TYR A 271 -1.93 17.10 -11.98
N GLU A 272 -2.21 18.27 -12.55
CA GLU A 272 -1.95 18.48 -13.98
C GLU A 272 -0.48 18.31 -14.39
N GLU A 273 0.47 18.76 -13.56
CA GLU A 273 1.91 18.56 -13.88
C GLU A 273 2.33 17.07 -13.79
N ALA A 274 1.88 16.40 -12.74
CA ALA A 274 2.07 14.95 -12.56
C ALA A 274 1.56 14.15 -13.76
N MET A 275 0.33 14.46 -14.17
CA MET A 275 -0.30 13.81 -15.31
C MET A 275 0.45 14.13 -16.62
N ARG A 276 0.85 15.39 -16.78
CA ARG A 276 1.60 15.85 -17.97
C ARG A 276 2.97 15.18 -18.06
N ARG A 277 3.69 15.15 -16.95
CA ARG A 277 5.07 14.69 -16.97
C ARG A 277 5.24 13.18 -16.86
N PHE A 278 4.30 12.52 -16.21
CA PHE A 278 4.46 11.11 -15.87
C PHE A 278 3.27 10.24 -16.23
N GLY A 279 2.20 10.86 -16.74
CA GLY A 279 1.00 10.13 -17.11
C GLY A 279 0.36 9.39 -15.96
N SER A 280 0.55 9.90 -14.73
CA SER A 280 0.04 9.28 -13.50
C SER A 280 -0.05 10.26 -12.33
N ASP A 281 -1.06 10.07 -11.49
CA ASP A 281 -1.23 10.88 -10.30
C ASP A 281 -0.65 10.20 -9.06
N LYS A 282 -0.01 9.05 -9.27
CA LYS A 282 0.86 8.44 -8.28
C LYS A 282 2.20 8.16 -8.95
N PRO A 283 2.90 9.23 -9.39
CA PRO A 283 4.08 9.04 -10.23
C PRO A 283 5.25 8.35 -9.50
N ASP A 284 5.94 7.48 -10.24
CA ASP A 284 7.13 6.80 -9.75
C ASP A 284 8.35 7.63 -10.14
N LEU A 285 8.98 8.25 -9.16
CA LEU A 285 10.06 9.17 -9.43
C LEU A 285 11.45 8.55 -9.23
N ARG A 286 11.52 7.22 -9.16
CA ARG A 286 12.81 6.55 -9.04
C ARG A 286 13.63 6.52 -10.33
N PHE A 287 13.04 6.97 -11.44
CA PHE A 287 13.69 7.04 -12.75
C PHE A 287 13.06 8.17 -13.55
N GLY A 288 13.61 8.45 -14.74
CA GLY A 288 13.15 9.56 -15.60
C GLY A 288 12.10 9.15 -16.61
N ILE A 289 12.48 9.13 -17.89
CA ILE A 289 11.63 8.67 -19.00
C ILE A 289 10.27 9.40 -18.97
N GLU A 290 10.31 10.72 -18.97
CA GLU A 290 9.11 11.54 -18.86
C GLU A 290 8.35 11.63 -20.19
N LEU A 291 7.03 11.81 -20.08
CA LEU A 291 6.22 12.13 -21.23
C LEU A 291 6.69 13.46 -21.83
N VAL A 292 6.68 13.55 -23.16
CA VAL A 292 6.90 14.79 -23.88
C VAL A 292 5.67 15.04 -24.74
N GLU A 293 5.00 16.18 -24.53
CA GLU A 293 3.82 16.54 -25.32
C GLU A 293 4.19 16.89 -26.75
N CYS A 294 3.40 16.38 -27.70
CA CYS A 294 3.61 16.62 -29.12
C CYS A 294 2.36 17.16 -29.82
N THR A 295 1.38 17.59 -29.03
CA THR A 295 0.11 18.10 -29.56
C THR A 295 0.33 19.30 -30.49
N GLU A 296 0.97 20.35 -29.97
CA GLU A 296 1.26 21.55 -30.73
C GLU A 296 2.24 21.22 -31.84
N TYR A 297 3.21 20.36 -31.56
CA TYR A 297 4.16 19.93 -32.58
C TYR A 297 3.48 19.33 -33.82
N PHE A 298 2.36 18.64 -33.61
CA PHE A 298 1.65 17.97 -34.69
C PHE A 298 0.36 18.69 -35.08
N LYS A 299 0.23 19.94 -34.62
CA LYS A 299 -0.96 20.77 -34.91
C LYS A 299 -1.35 20.75 -36.39
N ASP A 300 -0.37 20.92 -37.27
CA ASP A 300 -0.64 20.99 -38.70
C ASP A 300 -0.39 19.66 -39.42
N THR A 301 -0.47 18.55 -38.70
CA THR A 301 -0.15 17.24 -39.33
C THR A 301 -1.24 16.72 -40.28
N THR A 302 -0.82 15.88 -41.23
CA THR A 302 -1.76 15.23 -42.16
C THR A 302 -1.78 13.70 -41.95
N PHE A 303 -1.05 13.24 -40.93
CA PHE A 303 -1.08 11.85 -40.53
C PHE A 303 -2.28 11.66 -39.60
N ARG A 304 -3.22 10.80 -40.00
CA ARG A 304 -4.53 10.69 -39.36
C ARG A 304 -4.46 10.34 -37.88
N VAL A 305 -3.60 9.38 -37.54
CA VAL A 305 -3.44 8.94 -36.15
C VAL A 305 -3.11 10.10 -35.20
N PHE A 306 -2.33 11.06 -35.69
CA PHE A 306 -1.90 12.19 -34.86
C PHE A 306 -2.81 13.41 -34.95
N GLN A 307 -3.84 13.32 -35.81
CA GLN A 307 -4.93 14.30 -35.80
C GLN A 307 -5.87 13.95 -34.63
N ALA A 308 -5.44 14.34 -33.43
CA ALA A 308 -6.07 13.97 -32.15
C ALA A 308 -5.95 15.16 -31.18
N PRO A 309 -6.75 15.17 -30.10
CA PRO A 309 -6.66 16.33 -29.18
C PRO A 309 -5.40 16.28 -28.28
N TYR A 310 -4.74 15.12 -28.25
CA TYR A 310 -3.49 14.98 -27.55
C TYR A 310 -2.59 14.02 -28.32
N VAL A 311 -1.31 14.38 -28.43
CA VAL A 311 -0.28 13.43 -28.85
C VAL A 311 0.88 13.54 -27.88
N GLY A 312 1.35 12.41 -27.37
CA GLY A 312 2.43 12.37 -26.40
C GLY A 312 3.47 11.33 -26.76
N ALA A 313 4.70 11.56 -26.31
CA ALA A 313 5.80 10.65 -26.55
C ALA A 313 6.58 10.28 -25.31
N VAL A 314 7.18 9.09 -25.37
CA VAL A 314 8.05 8.57 -24.34
C VAL A 314 9.23 7.92 -25.06
N VAL A 315 10.44 8.29 -24.64
CA VAL A 315 11.66 7.86 -25.33
C VAL A 315 12.28 6.69 -24.57
N MET A 316 12.48 5.58 -25.27
CA MET A 316 13.18 4.44 -24.70
C MET A 316 14.65 4.53 -25.07
N PRO A 317 15.54 4.53 -24.05
CA PRO A 317 16.99 4.54 -24.30
C PRO A 317 17.42 3.30 -25.10
N GLY A 318 18.13 3.52 -26.21
CA GLY A 318 18.68 2.44 -27.05
C GLY A 318 17.67 1.42 -27.56
N GLY A 319 16.41 1.81 -27.68
CA GLY A 319 15.32 0.91 -28.02
C GLY A 319 15.14 0.58 -29.50
N ALA A 320 15.95 1.20 -30.36
CA ALA A 320 15.91 0.89 -31.79
C ALA A 320 16.49 -0.48 -32.04
N SER A 321 17.52 -0.83 -31.26
CA SER A 321 18.19 -2.14 -31.37
C SER A 321 17.33 -3.32 -30.88
N GLN A 322 16.04 -3.05 -30.67
CA GLN A 322 15.09 -4.05 -30.20
C GLN A 322 14.78 -5.02 -31.35
N PRO A 323 14.55 -6.30 -31.03
CA PRO A 323 14.06 -7.25 -32.05
C PRO A 323 12.53 -7.16 -32.24
N ARG A 324 12.07 -7.52 -33.44
CA ARG A 324 10.69 -7.26 -33.88
C ARG A 324 9.59 -8.04 -33.15
N ARG A 325 9.92 -9.26 -32.70
CA ARG A 325 8.95 -10.11 -32.01
C ARG A 325 8.40 -9.42 -30.76
N THR A 326 9.29 -8.76 -30.02
CA THR A 326 8.92 -8.01 -28.81
C THR A 326 8.24 -6.66 -29.11
N LEU A 327 8.47 -6.14 -30.31
CA LEU A 327 7.82 -4.91 -30.76
C LEU A 327 6.33 -5.15 -31.04
N ASP A 328 5.99 -6.37 -31.43
CA ASP A 328 4.60 -6.76 -31.64
C ASP A 328 3.88 -6.93 -30.31
N GLY A 329 4.61 -7.38 -29.30
CA GLY A 329 4.07 -7.52 -27.94
C GLY A 329 3.76 -6.19 -27.27
N TRP A 330 4.50 -5.14 -27.66
CA TRP A 330 4.22 -3.77 -27.23
C TRP A 330 2.80 -3.39 -27.55
N GLN A 331 2.33 -3.85 -28.72
CA GLN A 331 0.96 -3.63 -29.14
C GLN A 331 -0.04 -4.38 -28.26
N GLU A 332 0.37 -5.57 -27.79
CA GLU A 332 -0.46 -6.40 -26.91
C GLU A 332 -0.52 -5.78 -25.52
N PHE A 333 0.64 -5.36 -25.03
CA PHE A 333 0.79 -4.51 -23.85
C PHE A 333 -0.21 -3.35 -23.88
N ALA A 334 -0.29 -2.68 -25.02
CA ALA A 334 -1.23 -1.58 -25.20
C ALA A 334 -2.69 -2.04 -25.17
N LYS A 335 -2.98 -3.15 -25.86
CA LYS A 335 -4.36 -3.64 -25.95
C LYS A 335 -4.88 -4.21 -24.65
N GLN A 336 -4.02 -4.90 -23.91
CA GLN A 336 -4.35 -5.44 -22.58
C GLN A 336 -4.83 -4.37 -21.59
N ARG A 337 -4.76 -3.10 -21.97
CA ARG A 337 -5.10 -1.99 -21.07
C ARG A 337 -6.25 -1.09 -21.56
N GLY A 338 -6.96 -1.54 -22.59
CA GLY A 338 -8.06 -0.77 -23.17
C GLY A 338 -7.59 0.34 -24.10
N HIS A 339 -6.54 0.07 -24.85
CA HIS A 339 -6.01 1.03 -25.84
C HIS A 339 -5.84 0.35 -27.17
N LYS A 340 -6.05 1.11 -28.24
CA LYS A 340 -6.03 0.56 -29.61
C LYS A 340 -4.64 0.16 -30.12
N GLY A 341 -3.60 0.74 -29.54
CA GLY A 341 -2.23 0.46 -29.97
C GLY A 341 -1.18 1.45 -29.46
N LEU A 342 0.05 1.29 -29.93
CA LEU A 342 1.16 2.14 -29.53
C LEU A 342 2.06 2.40 -30.73
N ALA A 343 1.96 3.59 -31.30
CA ALA A 343 2.80 3.96 -32.44
C ALA A 343 4.24 4.20 -31.97
N TYR A 344 5.18 4.04 -32.90
CA TYR A 344 6.61 4.16 -32.56
C TYR A 344 7.43 4.63 -33.75
N VAL A 345 8.52 5.32 -33.44
CA VAL A 345 9.49 5.77 -34.44
C VAL A 345 10.86 5.26 -34.01
N LEU A 346 11.47 4.48 -34.89
CA LEU A 346 12.80 3.92 -34.65
C LEU A 346 13.88 4.88 -35.12
N VAL A 347 14.74 5.31 -34.20
CA VAL A 347 15.89 6.14 -34.55
C VAL A 347 17.13 5.25 -34.72
N GLY A 348 17.46 4.93 -35.98
CA GLY A 348 18.63 4.10 -36.28
C GLY A 348 19.94 4.82 -35.99
N GLU A 349 21.04 4.06 -36.01
CA GLU A 349 22.38 4.56 -35.66
C GLU A 349 22.77 5.87 -36.36
N ASP A 350 22.19 6.10 -37.54
CA ASP A 350 22.47 7.27 -38.37
C ASP A 350 21.85 8.53 -37.79
N GLY A 351 20.70 8.38 -37.14
CA GLY A 351 19.86 9.50 -36.74
C GLY A 351 18.64 9.60 -37.65
N THR A 352 18.58 8.70 -38.63
CA THR A 352 17.48 8.65 -39.60
C THR A 352 16.33 7.79 -39.07
N LEU A 353 15.11 8.22 -39.37
CA LEU A 353 13.90 7.64 -38.79
C LEU A 353 13.35 6.47 -39.59
N GLY A 354 13.03 5.38 -38.89
CA GLY A 354 12.37 4.22 -39.47
C GLY A 354 11.05 3.94 -38.77
N GLY A 355 10.38 2.87 -39.18
CA GLY A 355 9.09 2.47 -38.61
C GLY A 355 7.90 2.94 -39.46
N PRO A 356 6.69 2.40 -39.17
CA PRO A 356 5.46 2.70 -39.91
C PRO A 356 4.93 4.15 -39.77
N VAL A 357 5.46 4.91 -38.80
CA VAL A 357 5.04 6.29 -38.59
C VAL A 357 5.86 7.27 -39.45
N ALA A 358 7.19 7.18 -39.35
CA ALA A 358 8.13 8.12 -39.98
C ALA A 358 7.80 8.54 -41.41
N LYS A 359 7.38 7.58 -42.24
CA LYS A 359 7.16 7.86 -43.67
C LYS A 359 5.92 8.71 -43.91
N ASN A 360 5.01 8.72 -42.93
CA ASN A 360 3.74 9.41 -43.06
C ASN A 360 3.80 10.86 -42.61
N LEU A 361 4.85 11.22 -41.89
CA LEU A 361 5.04 12.56 -41.40
C LEU A 361 5.55 13.46 -42.51
N SER A 362 5.44 14.78 -42.33
CA SER A 362 5.98 15.72 -43.31
C SER A 362 7.49 15.83 -43.11
N ASP A 363 8.20 16.28 -44.15
CA ASP A 363 9.62 16.58 -44.05
C ASP A 363 9.92 17.40 -42.80
N ALA A 364 9.14 18.47 -42.60
CA ALA A 364 9.33 19.35 -41.46
C ALA A 364 9.06 18.67 -40.11
N GLU A 365 8.18 17.67 -40.11
CA GLU A 365 7.86 16.92 -38.90
C GLU A 365 8.93 15.90 -38.57
N ARG A 366 9.36 15.16 -39.60
CA ARG A 366 10.45 14.19 -39.47
C ARG A 366 11.70 14.86 -38.95
N ASP A 367 11.97 16.06 -39.46
CA ASP A 367 13.21 16.76 -39.15
C ASP A 367 13.34 17.07 -37.65
N GLY A 368 12.53 17.99 -37.14
CA GLY A 368 12.65 18.42 -35.74
C GLY A 368 12.23 17.42 -34.67
N LEU A 369 11.93 16.18 -35.08
CA LEU A 369 11.35 15.20 -34.16
C LEU A 369 12.27 14.74 -33.03
N VAL A 370 13.42 14.16 -33.38
CA VAL A 370 14.42 13.67 -32.41
C VAL A 370 14.74 14.74 -31.37
N ALA A 371 15.00 15.95 -31.86
CA ALA A 371 15.28 17.09 -30.98
C ALA A 371 14.11 17.31 -30.02
N HIS A 372 12.91 17.45 -30.57
CA HIS A 372 11.70 17.75 -29.79
C HIS A 372 11.45 16.81 -28.65
N VAL A 373 11.61 15.51 -28.88
CA VAL A 373 11.40 14.50 -27.84
C VAL A 373 12.67 14.24 -27.04
N GLY A 374 13.76 14.91 -27.42
CA GLY A 374 15.05 14.76 -26.73
C GLY A 374 15.59 13.34 -26.82
N ALA A 375 15.44 12.74 -28.00
CA ALA A 375 15.94 11.40 -28.25
C ALA A 375 17.38 11.44 -28.74
N ASN A 376 18.02 10.28 -28.75
CA ASN A 376 19.37 10.13 -29.29
C ASN A 376 19.36 8.97 -30.29
N PRO A 377 20.30 8.97 -31.26
CA PRO A 377 20.42 7.83 -32.17
C PRO A 377 20.46 6.51 -31.41
N GLY A 378 19.79 5.50 -31.94
CA GLY A 378 19.67 4.20 -31.26
C GLY A 378 18.39 4.04 -30.45
N ASP A 379 17.66 5.14 -30.25
CA ASP A 379 16.44 5.12 -29.41
C ASP A 379 15.17 4.69 -30.15
N CYS A 380 14.17 4.26 -29.38
CA CYS A 380 12.82 4.01 -29.88
C CYS A 380 11.85 4.97 -29.20
N ILE A 381 11.19 5.82 -29.99
CA ILE A 381 10.21 6.76 -29.46
C ILE A 381 8.80 6.19 -29.59
N PHE A 382 8.12 6.04 -28.45
CA PHE A 382 6.74 5.59 -28.43
C PHE A 382 5.78 6.76 -28.41
N PHE A 383 4.67 6.61 -29.13
CA PHE A 383 3.67 7.66 -29.20
C PHE A 383 2.30 7.13 -28.79
N ALA A 384 1.52 7.99 -28.14
CA ALA A 384 0.12 7.72 -27.88
C ALA A 384 -0.69 8.94 -28.28
N ALA A 385 -1.73 8.71 -29.07
CA ALA A 385 -2.61 9.78 -29.48
C ALA A 385 -4.06 9.42 -29.14
N GLY A 386 -4.90 10.43 -28.99
CA GLY A 386 -6.29 10.23 -28.66
C GLY A 386 -6.63 11.11 -27.49
N PRO A 387 -7.82 10.89 -26.88
CA PRO A 387 -8.21 11.63 -25.67
C PRO A 387 -7.06 11.63 -24.67
N ALA A 388 -6.78 12.80 -24.10
CA ALA A 388 -5.62 13.01 -23.24
C ALA A 388 -5.48 12.04 -22.04
N LYS A 389 -6.56 11.81 -21.30
CA LYS A 389 -6.52 10.90 -20.14
C LYS A 389 -6.06 9.48 -20.48
N GLY A 390 -6.62 8.90 -21.54
CA GLY A 390 -6.24 7.55 -21.98
C GLY A 390 -4.83 7.46 -22.55
N ALA A 391 -4.47 8.45 -23.37
CA ALA A 391 -3.14 8.50 -23.98
C ALA A 391 -2.03 8.69 -22.93
N ARG A 392 -2.25 9.61 -21.99
CA ARG A 392 -1.30 9.82 -20.90
C ARG A 392 -1.12 8.59 -20.00
N ALA A 393 -2.23 7.94 -19.65
CA ALA A 393 -2.22 6.71 -18.83
C ALA A 393 -1.43 5.60 -19.51
N LEU A 394 -1.64 5.46 -20.81
CA LEU A 394 -0.86 4.53 -21.61
C LEU A 394 0.65 4.87 -21.55
N LEU A 395 0.99 6.14 -21.74
CA LEU A 395 2.39 6.56 -21.69
C LEU A 395 2.99 6.44 -20.28
N GLY A 396 2.16 6.69 -19.27
CA GLY A 396 2.52 6.45 -17.88
C GLY A 396 2.81 4.99 -17.60
N ALA A 397 1.99 4.10 -18.16
CA ALA A 397 2.21 2.66 -18.03
C ALA A 397 3.42 2.22 -18.87
N THR A 398 3.61 2.82 -20.04
CA THR A 398 4.76 2.54 -20.90
C THR A 398 6.11 2.88 -20.26
N ARG A 399 6.24 4.05 -19.64
CA ARG A 399 7.50 4.41 -18.99
C ARG A 399 7.85 3.47 -17.83
N ILE A 400 6.85 3.00 -17.10
CA ILE A 400 7.11 2.04 -16.02
C ILE A 400 7.66 0.73 -16.58
N GLU A 401 7.08 0.27 -17.68
CA GLU A 401 7.53 -0.95 -18.35
C GLU A 401 8.95 -0.80 -18.89
N ILE A 402 9.24 0.36 -19.48
CA ILE A 402 10.59 0.69 -19.92
C ILE A 402 11.60 0.58 -18.78
N ALA A 403 11.24 1.12 -17.61
CA ALA A 403 12.12 1.14 -16.43
C ALA A 403 12.39 -0.25 -15.88
N LYS A 404 11.36 -1.12 -15.87
CA LYS A 404 11.53 -2.53 -15.51
C LYS A 404 12.55 -3.17 -16.45
N ARG A 405 12.24 -3.12 -17.75
CA ARG A 405 13.05 -3.76 -18.77
C ARG A 405 14.50 -3.29 -18.82
N LEU A 406 14.76 -2.06 -18.40
CA LEU A 406 16.11 -1.51 -18.48
C LEU A 406 16.83 -1.33 -17.14
N ASP A 407 16.17 -1.75 -16.06
CA ASP A 407 16.70 -1.61 -14.68
C ASP A 407 17.16 -0.20 -14.31
N LEU A 408 16.27 0.78 -14.50
CA LEU A 408 16.58 2.17 -14.17
C LEU A 408 16.18 2.47 -12.73
N ILE A 409 15.90 1.39 -12.01
CA ILE A 409 15.03 1.44 -10.87
C ILE A 409 15.73 0.85 -9.62
N ASP A 410 16.40 1.73 -8.87
CA ASP A 410 17.20 1.34 -7.71
C ASP A 410 16.29 0.80 -6.60
N PRO A 411 16.45 -0.48 -6.23
CA PRO A 411 15.56 -1.12 -5.25
C PRO A 411 15.72 -0.59 -3.81
N ASN A 412 16.73 0.25 -3.57
CA ASN A 412 16.98 0.86 -2.25
C ASN A 412 16.47 2.28 -2.12
N ALA A 413 16.18 2.93 -3.24
CA ALA A 413 15.82 4.34 -3.27
C ALA A 413 14.42 4.56 -2.71
N TRP A 414 14.24 5.69 -2.05
CA TRP A 414 12.93 6.16 -1.62
C TRP A 414 12.64 7.49 -2.26
N ALA A 415 11.65 7.52 -3.15
CA ALA A 415 11.27 8.76 -3.85
C ALA A 415 9.83 9.14 -3.50
N PHE A 416 9.67 10.27 -2.81
CA PHE A 416 8.37 10.73 -2.37
C PHE A 416 7.93 11.96 -3.14
N THR A 417 6.62 12.14 -3.21
CA THR A 417 6.05 13.42 -3.61
C THR A 417 4.62 13.55 -3.17
N TRP A 418 4.23 14.79 -2.85
CA TRP A 418 2.83 15.16 -2.76
C TRP A 418 2.33 15.47 -4.12
N VAL A 419 1.09 15.05 -4.40
CA VAL A 419 0.36 15.53 -5.57
C VAL A 419 -0.74 16.44 -5.00
N VAL A 420 -0.73 17.70 -5.45
CA VAL A 420 -1.64 18.71 -4.91
C VAL A 420 -2.52 19.26 -6.04
N ASP A 421 -3.43 20.14 -5.68
CA ASP A 421 -4.33 20.83 -6.63
C ASP A 421 -5.10 19.84 -7.52
N PHE A 422 -5.66 18.81 -6.90
CA PHE A 422 -6.50 17.86 -7.60
C PHE A 422 -7.75 18.56 -8.10
N PRO A 423 -8.22 18.20 -9.31
CA PRO A 423 -9.56 18.60 -9.74
C PRO A 423 -10.57 18.13 -8.71
N MET A 424 -11.63 18.89 -8.54
CA MET A 424 -12.66 18.56 -7.57
C MET A 424 -13.47 17.32 -8.00
N PHE A 425 -13.61 17.14 -9.31
CA PHE A 425 -14.48 16.11 -9.85
C PHE A 425 -13.81 15.30 -10.95
N GLU A 426 -14.21 14.04 -11.08
CA GLU A 426 -13.96 13.24 -12.30
C GLU A 426 -15.27 13.17 -13.10
N ALA A 427 -15.15 12.89 -14.40
CA ALA A 427 -16.31 12.52 -15.22
C ALA A 427 -16.69 11.08 -14.93
N ALA A 428 -17.98 10.85 -14.64
CA ALA A 428 -18.51 9.58 -14.10
C ALA A 428 -18.04 8.30 -14.82
N ASP A 429 -18.29 8.20 -16.12
CA ASP A 429 -17.82 7.10 -16.94
C ASP A 429 -17.66 7.61 -18.38
N GLU A 430 -16.42 7.96 -18.71
CA GLU A 430 -16.15 8.70 -19.95
C GLU A 430 -15.72 7.83 -21.15
N ALA A 431 -14.98 6.75 -20.89
CA ALA A 431 -14.44 5.89 -21.97
C ALA A 431 -15.05 4.49 -22.04
N THR A 432 -15.20 3.98 -23.26
CA THR A 432 -15.66 2.61 -23.49
C THR A 432 -14.55 1.62 -23.11
N ALA A 433 -14.93 0.39 -22.82
CA ALA A 433 -13.98 -0.70 -22.55
C ALA A 433 -13.15 -0.96 -23.81
N ALA A 434 -13.80 -0.78 -24.97
CA ALA A 434 -13.16 -0.92 -26.28
C ALA A 434 -12.14 0.19 -26.59
N GLY A 435 -12.18 1.29 -25.83
CA GLY A 435 -11.18 2.38 -25.93
C GLY A 435 -11.68 3.71 -26.46
N ASP A 436 -12.98 3.80 -26.74
CA ASP A 436 -13.58 4.99 -27.34
C ASP A 436 -14.16 5.96 -26.30
N VAL A 437 -14.53 7.16 -26.75
CA VAL A 437 -15.30 8.10 -25.92
C VAL A 437 -16.75 7.62 -25.90
N ALA A 438 -17.23 7.29 -24.71
CA ALA A 438 -18.60 6.83 -24.53
C ALA A 438 -19.50 8.02 -24.26
N VAL A 439 -20.81 7.80 -24.41
CA VAL A 439 -21.81 8.83 -24.08
C VAL A 439 -21.96 8.90 -22.57
N GLY A 440 -21.70 10.09 -22.02
CA GLY A 440 -21.74 10.31 -20.59
C GLY A 440 -23.14 10.17 -20.02
N SER A 441 -23.29 9.22 -19.10
CA SER A 441 -24.56 8.99 -18.43
C SER A 441 -24.62 9.80 -17.15
N GLY A 442 -23.89 9.32 -16.14
CA GLY A 442 -23.96 9.84 -14.79
C GLY A 442 -23.55 11.30 -14.62
N ALA A 443 -23.91 11.85 -13.47
CA ALA A 443 -23.50 13.19 -13.09
C ALA A 443 -21.98 13.23 -12.86
N TRP A 444 -21.48 14.33 -12.33
CA TRP A 444 -20.09 14.37 -11.92
C TRP A 444 -19.85 13.57 -10.67
N THR A 445 -18.68 12.96 -10.59
CA THR A 445 -18.33 12.17 -9.42
C THR A 445 -17.13 12.80 -8.71
N ALA A 446 -17.03 12.60 -7.40
CA ALA A 446 -15.97 13.20 -6.59
C ALA A 446 -14.59 12.60 -6.89
N MET A 447 -13.58 13.46 -7.04
CA MET A 447 -12.20 13.01 -7.25
C MET A 447 -11.60 12.32 -6.03
N HIS A 448 -11.85 12.85 -4.84
CA HIS A 448 -11.40 12.21 -3.60
C HIS A 448 -12.59 11.78 -2.79
N HIS A 449 -13.35 12.76 -2.27
CA HIS A 449 -14.70 12.50 -1.74
C HIS A 449 -15.52 13.76 -1.68
N ALA A 450 -16.83 13.61 -1.49
CA ALA A 450 -17.78 14.74 -1.57
C ALA A 450 -17.55 15.85 -0.55
N PHE A 451 -16.81 15.54 0.51
CA PHE A 451 -16.61 16.44 1.64
C PHE A 451 -15.36 17.31 1.48
N THR A 452 -14.76 17.24 0.29
CA THR A 452 -13.54 17.95 -0.07
C THR A 452 -13.88 19.36 -0.52
N ALA A 453 -13.20 20.35 0.05
CA ALA A 453 -13.46 21.76 -0.28
C ALA A 453 -12.90 22.16 -1.64
N PRO A 454 -13.61 23.08 -2.34
CA PRO A 454 -13.01 23.71 -3.50
C PRO A 454 -11.95 24.72 -3.04
N LYS A 455 -10.96 25.00 -3.88
CA LYS A 455 -10.03 26.12 -3.64
C LYS A 455 -10.83 27.43 -3.63
N PRO A 456 -10.32 28.47 -2.93
CA PRO A 456 -11.03 29.76 -2.87
C PRO A 456 -11.54 30.30 -4.21
N ASP A 457 -10.72 30.28 -5.27
CA ASP A 457 -11.16 30.82 -6.55
C ASP A 457 -11.93 29.82 -7.43
N SER A 458 -12.39 28.74 -6.82
CA SER A 458 -13.32 27.81 -7.45
C SER A 458 -14.67 27.80 -6.71
N VAL A 459 -14.74 28.54 -5.60
CA VAL A 459 -15.93 28.54 -4.73
C VAL A 459 -17.24 28.88 -5.45
N ASP A 460 -17.25 29.97 -6.21
CA ASP A 460 -18.47 30.39 -6.90
C ASP A 460 -18.73 29.62 -8.19
N THR A 461 -17.68 29.06 -8.76
CA THR A 461 -17.71 28.47 -10.09
C THR A 461 -17.98 26.96 -10.11
N PHE A 462 -17.56 26.25 -9.05
CA PHE A 462 -17.48 24.78 -9.07
C PHE A 462 -18.74 24.02 -9.55
N ASP A 463 -19.91 24.61 -9.36
CA ASP A 463 -21.13 23.95 -9.84
C ASP A 463 -21.64 24.46 -11.19
N SER A 464 -21.00 25.51 -11.71
CA SER A 464 -21.24 25.98 -13.08
C SER A 464 -20.15 25.50 -14.06
N ASP A 465 -18.91 25.39 -13.59
CA ASP A 465 -17.77 24.94 -14.40
C ASP A 465 -17.03 23.79 -13.67
N PRO A 466 -17.72 22.64 -13.49
CA PRO A 466 -17.22 21.53 -12.67
C PRO A 466 -15.90 20.93 -13.15
N GLY A 467 -15.78 20.70 -14.45
CA GLY A 467 -14.57 20.09 -15.03
C GLY A 467 -13.29 20.87 -14.77
N ASN A 468 -13.40 22.18 -14.60
CA ASN A 468 -12.22 23.01 -14.39
C ASN A 468 -11.98 23.35 -12.91
N ALA A 469 -12.91 22.94 -12.06
CA ALA A 469 -12.87 23.27 -10.63
C ALA A 469 -11.76 22.51 -9.92
N LEU A 470 -10.96 23.24 -9.14
CA LEU A 470 -9.87 22.66 -8.37
C LEU A 470 -10.21 22.60 -6.87
N SER A 471 -9.58 21.65 -6.19
CA SER A 471 -9.83 21.39 -4.78
C SER A 471 -8.59 21.55 -3.92
N ASP A 472 -8.78 21.55 -2.61
CA ASP A 472 -7.65 21.47 -1.68
C ASP A 472 -7.40 20.05 -1.20
N ALA A 473 -7.30 19.14 -2.16
CA ALA A 473 -7.02 17.74 -1.89
C ALA A 473 -5.55 17.48 -2.18
N TYR A 474 -5.01 16.46 -1.51
CA TYR A 474 -3.60 16.12 -1.63
C TYR A 474 -3.38 14.65 -1.39
N ASP A 475 -2.50 14.06 -2.19
CA ASP A 475 -2.04 12.70 -1.99
C ASP A 475 -0.54 12.74 -1.69
N ILE A 476 -0.08 11.79 -0.89
CA ILE A 476 1.36 11.58 -0.75
C ILE A 476 1.71 10.25 -1.39
N VAL A 477 2.75 10.25 -2.20
CA VAL A 477 3.12 9.12 -3.03
C VAL A 477 4.54 8.66 -2.70
N CYS A 478 4.73 7.35 -2.59
CA CYS A 478 6.03 6.73 -2.32
C CYS A 478 6.30 5.66 -3.35
N ASN A 479 7.38 5.82 -4.09
CA ASN A 479 7.80 4.85 -5.12
C ASN A 479 6.65 4.37 -6.00
N GLY A 480 5.83 5.30 -6.49
CA GLY A 480 4.71 4.96 -7.37
C GLY A 480 3.47 4.38 -6.69
N ASN A 481 3.43 4.44 -5.36
CA ASN A 481 2.27 4.01 -4.60
C ASN A 481 1.64 5.19 -3.90
N GLU A 482 0.32 5.29 -3.99
CA GLU A 482 -0.38 6.24 -3.16
C GLU A 482 -0.39 5.67 -1.74
N ILE A 483 0.27 6.36 -0.80
CA ILE A 483 0.34 5.90 0.59
C ILE A 483 -0.56 6.71 1.55
N GLY A 484 -1.12 7.80 1.05
CA GLY A 484 -2.07 8.56 1.83
C GLY A 484 -2.78 9.63 1.03
N GLY A 485 -3.91 10.10 1.57
CA GLY A 485 -4.70 11.13 0.90
C GLY A 485 -5.65 11.82 1.85
N GLY A 486 -5.80 13.13 1.67
CA GLY A 486 -6.70 13.95 2.47
C GLY A 486 -7.11 15.22 1.76
N SER A 487 -7.78 16.10 2.48
CA SER A 487 -8.17 17.41 1.93
C SER A 487 -8.70 18.30 3.03
N ILE A 488 -8.75 19.59 2.73
CA ILE A 488 -9.48 20.56 3.52
C ILE A 488 -10.97 20.29 3.25
N ARG A 489 -11.77 20.29 4.30
CA ARG A 489 -13.18 19.92 4.16
C ARG A 489 -14.06 21.13 3.91
N ILE A 490 -15.25 20.86 3.38
CA ILE A 490 -16.33 21.80 3.39
C ILE A 490 -16.84 21.83 4.83
N HIS A 491 -17.12 23.03 5.35
CA HIS A 491 -17.68 23.16 6.70
C HIS A 491 -18.90 24.05 6.75
N ARG A 492 -19.47 24.35 5.58
CA ARG A 492 -20.73 25.10 5.47
C ARG A 492 -21.78 24.23 4.80
N ARG A 493 -23.01 24.27 5.32
CA ARG A 493 -24.13 23.54 4.74
C ARG A 493 -24.39 23.89 3.25
N ASP A 494 -24.51 25.18 2.94
CA ASP A 494 -24.84 25.60 1.58
C ASP A 494 -23.85 25.10 0.51
N ILE A 495 -22.55 25.17 0.82
CA ILE A 495 -21.52 24.63 -0.08
C ILE A 495 -21.62 23.11 -0.22
N GLN A 496 -21.93 22.41 0.86
CA GLN A 496 -22.04 20.95 0.82
C GLN A 496 -23.26 20.45 0.03
N GLU A 497 -24.38 21.17 0.12
CA GLU A 497 -25.58 20.89 -0.70
C GLU A 497 -25.33 21.11 -2.19
N ARG A 498 -24.71 22.24 -2.53
CA ARG A 498 -24.28 22.52 -3.90
C ARG A 498 -23.42 21.38 -4.48
N VAL A 499 -22.52 20.83 -3.67
CA VAL A 499 -21.71 19.71 -4.12
C VAL A 499 -22.59 18.51 -4.37
N PHE A 500 -23.53 18.27 -3.46
CA PHE A 500 -24.43 17.14 -3.57
C PHE A 500 -25.32 17.24 -4.79
N ALA A 501 -25.74 18.47 -5.11
CA ALA A 501 -26.57 18.74 -6.29
C ALA A 501 -25.86 18.27 -7.55
N MET A 502 -24.59 18.66 -7.68
CA MET A 502 -23.70 18.19 -8.75
C MET A 502 -23.80 16.68 -8.94
N MET A 503 -23.74 15.95 -7.84
CA MET A 503 -23.67 14.48 -7.86
C MET A 503 -25.02 13.77 -7.99
N GLY A 504 -26.07 14.55 -8.26
CA GLY A 504 -27.42 14.01 -8.38
C GLY A 504 -28.06 13.69 -7.05
N ILE A 505 -27.63 14.40 -6.01
CA ILE A 505 -28.25 14.27 -4.69
C ILE A 505 -29.04 15.53 -4.36
N ASP A 506 -30.37 15.39 -4.45
CA ASP A 506 -31.34 16.47 -4.18
C ASP A 506 -31.27 16.92 -2.72
N HIS A 507 -31.67 18.17 -2.48
CA HIS A 507 -31.77 18.74 -1.13
C HIS A 507 -32.38 17.78 -0.14
N ASP A 508 -33.49 17.14 -0.54
CA ASP A 508 -34.19 16.18 0.32
C ASP A 508 -33.39 14.90 0.57
N GLU A 509 -32.65 14.47 -0.46
CA GLU A 509 -31.85 13.25 -0.38
C GLU A 509 -30.62 13.48 0.51
N ALA A 510 -30.07 14.69 0.44
CA ALA A 510 -28.91 15.07 1.25
C ALA A 510 -29.25 15.08 2.75
N GLN A 511 -30.37 15.72 3.09
CA GLN A 511 -30.84 15.81 4.47
C GLN A 511 -31.22 14.44 5.04
N GLU A 512 -31.78 13.57 4.20
CA GLU A 512 -32.20 12.22 4.62
C GLU A 512 -31.01 11.31 4.88
N LYS A 513 -29.90 11.58 4.20
CA LYS A 513 -28.75 10.67 4.20
C LYS A 513 -27.52 11.21 4.94
N PHE A 514 -27.36 12.53 4.97
CA PHE A 514 -26.21 13.16 5.62
C PHE A 514 -26.65 14.32 6.53
N GLY A 515 -27.93 14.32 6.89
CA GLY A 515 -28.51 15.38 7.70
C GLY A 515 -27.79 15.63 9.01
N PHE A 516 -27.37 14.54 9.66
CA PHE A 516 -26.65 14.64 10.93
C PHE A 516 -25.35 15.43 10.77
N LEU A 517 -24.71 15.32 9.60
CA LEU A 517 -23.53 16.14 9.31
C LEU A 517 -23.93 17.58 8.94
N LEU A 518 -24.91 17.70 8.07
CA LEU A 518 -25.36 19.01 7.60
C LEU A 518 -25.89 19.89 8.75
N ASP A 519 -26.66 19.32 9.67
CA ASP A 519 -27.11 20.02 10.87
C ASP A 519 -25.96 20.37 11.83
N ALA A 520 -24.97 19.49 11.96
CA ALA A 520 -23.81 19.80 12.79
C ALA A 520 -23.13 21.08 12.32
N PHE A 521 -23.10 21.30 10.99
CA PHE A 521 -22.59 22.53 10.40
C PHE A 521 -23.42 23.77 10.71
N SER A 522 -24.57 23.60 11.36
CA SER A 522 -25.36 24.74 11.86
C SER A 522 -24.86 25.31 13.17
N TYR A 523 -23.93 24.61 13.82
CA TYR A 523 -23.55 24.97 15.19
C TYR A 523 -22.07 25.34 15.35
N GLY A 524 -21.62 26.29 14.54
CA GLY A 524 -20.26 26.81 14.62
C GLY A 524 -19.18 25.81 14.28
N ALA A 525 -19.29 25.19 13.11
CA ALA A 525 -18.27 24.31 12.59
C ALA A 525 -17.01 25.11 12.21
N PRO A 526 -15.83 24.59 12.53
CA PRO A 526 -14.56 25.26 12.23
C PRO A 526 -13.99 24.85 10.87
N PRO A 527 -13.11 25.69 10.30
CA PRO A 527 -12.38 25.21 9.13
C PRO A 527 -11.67 23.96 9.58
N HIS A 528 -11.74 22.90 8.78
CA HIS A 528 -11.02 21.71 9.14
C HIS A 528 -10.54 20.94 7.95
N GLY A 529 -9.54 20.11 8.19
CA GLY A 529 -8.92 19.33 7.15
C GLY A 529 -8.15 18.19 7.75
N GLY A 530 -7.80 17.22 6.91
CA GLY A 530 -7.16 16.02 7.42
C GLY A 530 -6.58 15.14 6.34
N ILE A 531 -6.23 13.92 6.76
CA ILE A 531 -5.54 12.96 5.92
C ILE A 531 -5.77 11.55 6.45
N ALA A 532 -5.68 10.56 5.56
CA ALA A 532 -5.69 9.16 5.96
C ALA A 532 -4.55 8.45 5.24
N PHE A 533 -3.75 7.68 5.99
CA PHE A 533 -2.67 6.90 5.40
C PHE A 533 -3.07 5.44 5.24
N GLY A 534 -2.67 4.85 4.12
CA GLY A 534 -2.81 3.40 3.93
C GLY A 534 -1.74 2.69 4.72
N TRP A 535 -2.07 2.35 5.97
CA TRP A 535 -1.12 1.79 6.93
C TRP A 535 -0.51 0.45 6.54
N ASP A 536 -1.32 -0.40 5.90
CA ASP A 536 -0.83 -1.71 5.46
C ASP A 536 0.20 -1.58 4.34
N ARG A 537 -0.10 -0.69 3.38
CA ARG A 537 0.81 -0.40 2.28
C ARG A 537 2.14 0.14 2.79
N ILE A 538 2.05 1.14 3.66
CA ILE A 538 3.24 1.73 4.29
C ILE A 538 4.07 0.64 5.00
N THR A 539 3.41 -0.20 5.80
CA THR A 539 4.13 -1.27 6.50
C THR A 539 4.77 -2.27 5.51
N ALA A 540 4.03 -2.61 4.46
CA ALA A 540 4.55 -3.46 3.38
C ALA A 540 5.78 -2.87 2.70
N LEU A 541 5.71 -1.59 2.30
CA LEU A 541 6.88 -0.90 1.76
C LEU A 541 8.10 -0.94 2.69
N LEU A 542 7.87 -0.73 3.97
CA LEU A 542 8.98 -0.73 4.94
C LEU A 542 9.59 -2.12 5.14
N ALA A 543 8.75 -3.14 5.07
CA ALA A 543 9.19 -4.52 5.21
C ALA A 543 9.81 -5.02 3.91
N GLY A 544 9.54 -4.31 2.80
CA GLY A 544 10.11 -4.65 1.50
C GLY A 544 9.40 -5.78 0.79
N VAL A 545 8.10 -5.88 0.97
CA VAL A 545 7.30 -6.90 0.30
C VAL A 545 6.27 -6.24 -0.59
N ASP A 546 5.75 -6.98 -1.57
CA ASP A 546 4.78 -6.46 -2.52
C ASP A 546 3.36 -6.50 -1.98
N SER A 547 3.02 -7.59 -1.30
CA SER A 547 1.64 -7.84 -0.85
C SER A 547 1.47 -7.45 0.61
N ILE A 548 0.37 -6.74 0.90
CA ILE A 548 0.06 -6.31 2.25
C ILE A 548 -0.32 -7.51 3.14
N ARG A 549 -0.59 -8.65 2.52
CA ARG A 549 -0.88 -9.89 3.25
C ARG A 549 0.26 -10.31 4.17
N GLU A 550 1.48 -9.91 3.80
CA GLU A 550 2.68 -10.29 4.51
C GLU A 550 2.88 -9.48 5.79
N VAL A 551 2.10 -8.40 5.94
CA VAL A 551 2.23 -7.50 7.09
C VAL A 551 0.96 -7.41 7.93
N ILE A 552 0.04 -8.32 7.68
CA ILE A 552 -1.17 -8.48 8.47
C ILE A 552 -1.03 -9.82 9.20
N ALA A 553 -1.39 -9.87 10.48
CA ALA A 553 -1.19 -11.11 11.27
C ALA A 553 -1.94 -12.27 10.65
N PHE A 554 -3.24 -12.09 10.43
CA PHE A 554 -4.04 -13.14 9.83
C PHE A 554 -4.87 -12.62 8.67
N PRO A 555 -4.24 -12.46 7.49
CA PRO A 555 -4.93 -11.90 6.32
C PRO A 555 -5.84 -12.90 5.59
N LYS A 556 -6.75 -12.38 4.78
CA LYS A 556 -7.52 -13.17 3.81
C LYS A 556 -6.75 -13.25 2.49
N SER A 557 -7.08 -14.27 1.70
CA SER A 557 -6.55 -14.38 0.34
C SER A 557 -7.67 -14.01 -0.63
N GLY A 558 -7.31 -13.74 -1.89
CA GLY A 558 -8.27 -13.40 -2.95
C GLY A 558 -9.68 -13.93 -2.75
N GLY A 559 -10.66 -13.03 -2.75
CA GLY A 559 -12.07 -13.42 -2.58
C GLY A 559 -12.60 -13.34 -1.15
N GLY A 560 -11.76 -12.87 -0.22
CA GLY A 560 -12.14 -12.74 1.19
C GLY A 560 -12.24 -14.08 1.90
N VAL A 561 -11.59 -15.10 1.31
CA VAL A 561 -11.57 -16.44 1.87
C VAL A 561 -10.52 -16.49 2.98
N ASP A 562 -10.89 -17.14 4.09
CA ASP A 562 -10.02 -17.26 5.26
C ASP A 562 -9.62 -18.73 5.43
N PRO A 563 -8.44 -19.11 4.90
CA PRO A 563 -7.96 -20.49 5.02
C PRO A 563 -7.69 -20.92 6.47
N LEU A 564 -7.45 -19.97 7.35
CA LEU A 564 -7.21 -20.25 8.77
C LEU A 564 -8.46 -20.80 9.48
N THR A 565 -9.59 -20.13 9.31
CA THR A 565 -10.80 -20.51 10.03
C THR A 565 -11.91 -21.02 9.12
N ASP A 566 -11.65 -21.02 7.81
CA ASP A 566 -12.64 -21.37 6.78
C ASP A 566 -13.86 -20.44 6.78
N ALA A 567 -13.61 -19.17 7.07
CA ALA A 567 -14.64 -18.14 6.95
C ALA A 567 -14.57 -17.52 5.55
N PRO A 568 -15.68 -16.95 5.06
CA PRO A 568 -17.03 -16.97 5.64
C PRO A 568 -17.68 -18.34 5.45
N ALA A 569 -18.66 -18.64 6.29
CA ALA A 569 -19.33 -19.93 6.30
C ALA A 569 -20.84 -19.70 6.42
N PRO A 570 -21.64 -20.67 5.94
CA PRO A 570 -23.09 -20.65 6.19
C PRO A 570 -23.40 -20.74 7.69
N ILE A 571 -24.53 -20.19 8.10
CA ILE A 571 -24.97 -20.21 9.50
C ILE A 571 -26.12 -21.21 9.70
N THR A 572 -26.43 -21.51 10.96
CA THR A 572 -27.55 -22.41 11.27
C THR A 572 -28.89 -21.71 10.99
N PRO A 573 -29.97 -22.49 10.81
CA PRO A 573 -31.30 -21.89 10.70
C PRO A 573 -31.76 -21.26 12.02
N GLN A 574 -31.22 -21.75 13.14
CA GLN A 574 -31.52 -21.22 14.47
C GLN A 574 -30.97 -19.80 14.61
N GLN A 575 -29.72 -19.62 14.21
CA GLN A 575 -29.09 -18.31 14.21
C GLN A 575 -29.76 -17.36 13.21
N ARG A 576 -30.18 -17.91 12.07
CA ARG A 576 -30.76 -17.08 11.01
C ARG A 576 -32.09 -16.44 11.40
N LYS A 577 -32.91 -17.16 12.16
CA LYS A 577 -34.21 -16.65 12.61
C LYS A 577 -34.08 -15.44 13.54
N GLU A 578 -32.87 -14.90 13.62
CA GLU A 578 -32.60 -13.69 14.42
C GLU A 578 -31.68 -12.70 13.66
N SER A 579 -32.24 -11.73 12.92
CA SER A 579 -33.68 -11.59 12.69
C SER A 579 -33.99 -10.90 11.35
N GLY A 580 -33.24 -11.23 10.30
CA GLY A 580 -33.44 -10.62 8.99
C GLY A 580 -34.02 -11.56 7.96
#